data_6BPI
#
_entry.id   6BPI
#
_cell.length_a   54.731
_cell.length_b   63.756
_cell.length_c   69.590
_cell.angle_alpha   90.00
_cell.angle_beta   90.00
_cell.angle_gamma   90.00
#
_symmetry.space_group_name_H-M   'P 21 21 21'
#
loop_
_entity.id
_entity.type
_entity.pdbx_description
1 polymer 'Histone-lysine N-methyltransferase SETDB1'
2 polymer MLY-SER-THR-E2G
3 non-polymer 'SULFATE ION'
4 non-polymer 1,2-ETHANEDIOL
5 non-polymer 'UNKNOWN ATOM OR ION'
6 water water
#
loop_
_entity_poly.entity_id
_entity_poly.type
_entity_poly.pdbx_seq_one_letter_code
_entity_poly.pdbx_strand_id
1 'polypeptide(L)'
;ENLYFQGDLIVSMRILGKKRTKTWHKGTLIAIQTVGPGKKYKVKFDNKGKSLLSGNHIAYDYHPPADKLYVGSRVVAKYK
DGNQVWLYAGIVAETPNVKNKLRFLIFFDDGYASYVTQSELYPICRPLKKTWEDIEDISCRDFIEEYVTAYPNRPMVLLK
SGQLIKTEWEGTWWKSRVEEVDGSLVRILFLDDKRCEWIYRGSTRLEPMFSMK
;
A
2 'polypeptide(L)' (MLY)ST(E2G) B
#
# COMPACT_ATOMS: atom_id res chain seq x y z
N GLU A 1 4.74 -18.44 -25.93
N GLU A 1 4.76 -18.40 -25.86
CA GLU A 1 5.90 -17.79 -26.60
CA GLU A 1 5.91 -17.84 -26.63
C GLU A 1 6.85 -17.23 -25.55
C GLU A 1 6.83 -17.04 -25.70
N ASN A 2 8.14 -17.17 -25.90
CA ASN A 2 9.11 -16.42 -25.14
C ASN A 2 9.35 -15.12 -25.86
N LEU A 3 9.24 -14.02 -25.12
CA LEU A 3 9.44 -12.68 -25.64
C LEU A 3 10.66 -12.05 -25.00
N TYR A 4 11.24 -11.09 -25.71
CA TYR A 4 12.29 -10.25 -25.17
C TYR A 4 11.77 -8.86 -24.82
N PHE A 5 10.71 -8.42 -25.51
CA PHE A 5 10.06 -7.11 -25.30
C PHE A 5 8.58 -7.33 -25.01
N GLN A 6 8.03 -6.51 -24.12
N GLN A 6 8.02 -6.58 -24.07
CA GLN A 6 6.61 -6.55 -23.78
CA GLN A 6 6.56 -6.51 -24.01
C GLN A 6 6.19 -5.18 -23.27
C GLN A 6 6.19 -5.21 -23.33
N GLY A 7 5.51 -4.37 -24.09
CA GLY A 7 5.27 -2.97 -23.74
C GLY A 7 6.59 -2.27 -23.50
N ASP A 8 6.75 -1.63 -22.33
CA ASP A 8 8.03 -1.00 -22.00
C ASP A 8 9.00 -1.92 -21.22
N LEU A 9 8.68 -3.19 -21.06
CA LEU A 9 9.58 -4.13 -20.40
C LEU A 9 10.52 -4.80 -21.40
N ILE A 10 11.78 -4.99 -20.97
CA ILE A 10 12.83 -5.58 -21.80
C ILE A 10 13.61 -6.58 -20.95
N VAL A 11 13.77 -7.79 -21.47
CA VAL A 11 14.61 -8.79 -20.81
C VAL A 11 16.01 -8.19 -20.56
N SER A 12 16.54 -8.46 -19.37
CA SER A 12 17.82 -7.93 -18.80
C SER A 12 17.69 -6.69 -17.93
N MET A 13 16.52 -6.04 -17.95
N MET A 13 16.52 -6.05 -17.92
CA MET A 13 16.29 -4.84 -17.16
CA MET A 13 16.27 -4.92 -17.05
C MET A 13 16.31 -5.15 -15.66
C MET A 13 16.36 -5.28 -15.56
N ARG A 14 16.72 -4.14 -14.90
N ARG A 14 16.85 -4.31 -14.80
CA ARG A 14 16.65 -4.16 -13.45
CA ARG A 14 16.75 -4.31 -13.34
C ARG A 14 15.18 -4.09 -13.08
C ARG A 14 15.30 -4.04 -13.00
N ILE A 15 14.79 -4.78 -12.01
CA ILE A 15 13.39 -4.77 -11.62
C ILE A 15 13.27 -5.09 -10.13
N LEU A 16 12.09 -4.83 -9.55
CA LEU A 16 11.73 -5.33 -8.22
C LEU A 16 10.74 -6.47 -8.38
N GLY A 17 10.89 -7.52 -7.60
CA GLY A 17 9.96 -8.65 -7.59
C GLY A 17 9.43 -8.97 -6.22
N LYS A 18 8.19 -9.44 -6.16
CA LYS A 18 7.54 -9.83 -4.90
C LYS A 18 7.97 -11.23 -4.52
N LYS A 19 8.52 -11.38 -3.33
CA LYS A 19 8.80 -12.72 -2.79
C LYS A 19 7.61 -13.27 -2.01
N ARG A 20 7.67 -14.57 -1.70
N ARG A 20 7.65 -14.57 -1.70
CA ARG A 20 6.62 -15.24 -0.94
CA ARG A 20 6.56 -15.22 -0.96
C ARG A 20 6.41 -14.66 0.45
C ARG A 20 6.42 -14.69 0.47
N THR A 21 7.46 -14.04 0.99
CA THR A 21 7.38 -13.30 2.26
C THR A 21 6.53 -12.03 2.17
N LYS A 22 6.15 -11.65 0.93
CA LYS A 22 5.35 -10.44 0.66
CA LYS A 22 5.36 -10.46 0.61
C LYS A 22 6.22 -9.19 0.65
N THR A 23 7.54 -9.34 0.85
CA THR A 23 8.45 -8.21 0.69
C THR A 23 9.03 -8.25 -0.72
N TRP A 24 9.43 -7.08 -1.21
CA TRP A 24 9.91 -6.92 -2.57
C TRP A 24 11.42 -6.69 -2.62
N HIS A 25 12.06 -7.26 -3.62
CA HIS A 25 13.51 -7.32 -3.69
C HIS A 25 14.01 -7.11 -5.10
N LYS A 26 15.22 -6.56 -5.20
CA LYS A 26 15.85 -6.27 -6.48
C LYS A 26 16.23 -7.54 -7.23
N GLY A 27 16.06 -7.48 -8.55
CA GLY A 27 16.45 -8.57 -9.40
C GLY A 27 16.59 -8.13 -10.82
N THR A 28 16.73 -9.13 -11.69
N THR A 28 16.76 -9.09 -11.71
CA THR A 28 16.84 -8.94 -13.12
CA THR A 28 16.83 -8.82 -13.15
C THR A 28 15.73 -9.71 -13.82
C THR A 28 15.78 -9.68 -13.85
N LEU A 29 15.09 -9.08 -14.82
CA LEU A 29 14.07 -9.76 -15.62
C LEU A 29 14.81 -10.62 -16.63
N ILE A 30 14.68 -11.94 -16.50
CA ILE A 30 15.43 -12.86 -17.36
C ILE A 30 14.60 -13.53 -18.46
N ALA A 31 13.26 -13.52 -18.32
CA ALA A 31 12.40 -14.08 -19.35
C ALA A 31 11.01 -13.45 -19.28
N ILE A 32 10.35 -13.39 -20.43
CA ILE A 32 8.94 -13.02 -20.56
C ILE A 32 8.28 -14.13 -21.33
N GLN A 33 7.23 -14.69 -20.76
CA GLN A 33 6.53 -15.85 -21.32
C GLN A 33 5.06 -15.51 -21.50
N THR A 34 4.52 -15.81 -22.68
CA THR A 34 3.07 -15.72 -22.91
C THR A 34 2.49 -17.11 -22.76
N VAL A 35 1.30 -17.16 -22.19
CA VAL A 35 0.53 -18.40 -22.04
C VAL A 35 -0.92 -18.01 -22.35
N GLY A 36 -1.33 -18.25 -23.59
CA GLY A 36 -2.60 -17.73 -24.10
C GLY A 36 -2.58 -16.20 -24.03
N PRO A 37 -3.63 -15.59 -23.46
CA PRO A 37 -3.62 -14.14 -23.29
C PRO A 37 -2.80 -13.67 -22.06
N GLY A 38 -2.29 -14.62 -21.27
CA GLY A 38 -1.58 -14.34 -20.04
C GLY A 38 -0.11 -14.09 -20.28
N LYS A 39 0.50 -13.38 -19.34
CA LYS A 39 1.92 -13.07 -19.38
C LYS A 39 2.54 -13.38 -18.04
N LYS A 40 3.73 -13.95 -18.07
CA LYS A 40 4.53 -14.21 -16.88
C LYS A 40 5.93 -13.67 -17.07
N TYR A 41 6.56 -13.31 -15.96
CA TYR A 41 7.83 -12.60 -15.94
C TYR A 41 8.78 -13.33 -15.01
N LYS A 42 9.86 -13.87 -15.56
CA LYS A 42 10.84 -14.58 -14.74
C LYS A 42 11.90 -13.63 -14.23
N VAL A 43 12.08 -13.62 -12.91
CA VAL A 43 12.99 -12.72 -12.25
C VAL A 43 14.03 -13.55 -11.52
N LYS A 44 15.30 -13.20 -11.72
CA LYS A 44 16.42 -13.72 -10.93
C LYS A 44 16.78 -12.65 -9.89
N PHE A 45 16.57 -12.95 -8.62
CA PHE A 45 16.83 -11.97 -7.56
C PHE A 45 18.33 -11.82 -7.29
N ASP A 46 18.74 -10.64 -6.82
CA ASP A 46 20.17 -10.33 -6.59
C ASP A 46 20.81 -11.26 -5.56
N ASN A 47 20.09 -11.51 -4.47
CA ASN A 47 20.60 -12.40 -3.41
C ASN A 47 20.20 -13.84 -3.71
N LYS A 48 18.94 -14.19 -3.42
CA LYS A 48 18.50 -15.58 -3.51
C LYS A 48 17.26 -15.73 -4.37
N GLY A 49 17.32 -16.61 -5.37
CA GLY A 49 16.13 -17.19 -6.02
C GLY A 49 15.80 -16.73 -7.44
N LYS A 50 15.07 -17.60 -8.14
CA LYS A 50 14.33 -17.26 -9.36
C LYS A 50 12.84 -17.47 -9.09
N SER A 51 11.99 -16.60 -9.63
CA SER A 51 10.56 -16.75 -9.54
C SER A 51 9.92 -16.36 -10.86
N LEU A 52 8.83 -17.04 -11.18
CA LEU A 52 8.00 -16.72 -12.33
C LEU A 52 6.79 -16.01 -11.77
N LEU A 53 6.66 -14.72 -12.12
CA LEU A 53 5.71 -13.81 -11.49
C LEU A 53 4.74 -13.24 -12.49
N SER A 54 3.53 -12.94 -12.02
CA SER A 54 2.58 -12.16 -12.82
CA SER A 54 2.60 -12.18 -12.84
C SER A 54 3.02 -10.71 -12.84
N GLY A 55 2.54 -9.96 -13.81
CA GLY A 55 2.96 -8.57 -13.99
C GLY A 55 2.61 -7.58 -12.89
N ASN A 56 1.61 -7.95 -12.07
CA ASN A 56 1.27 -7.17 -10.90
C ASN A 56 2.17 -7.45 -9.69
N HIS A 57 3.09 -8.40 -9.83
CA HIS A 57 4.07 -8.75 -8.81
C HIS A 57 5.51 -8.42 -9.18
N ILE A 58 5.67 -7.53 -10.17
CA ILE A 58 6.94 -6.88 -10.44
C ILE A 58 6.71 -5.36 -10.48
N ALA A 59 7.77 -4.63 -10.18
CA ALA A 59 7.74 -3.18 -10.14
C ALA A 59 9.02 -2.61 -10.73
N TYR A 60 8.92 -1.41 -11.28
CA TYR A 60 10.10 -0.75 -11.86
C TYR A 60 11.04 -0.28 -10.75
N ASP A 61 12.34 -0.33 -11.00
CA ASP A 61 13.31 0.13 -10.04
C ASP A 61 13.62 1.62 -10.26
N TYR A 62 12.57 2.45 -10.27
CA TYR A 62 12.73 3.90 -10.26
C TYR A 62 11.51 4.51 -9.60
N HIS A 63 11.60 5.79 -9.28
CA HIS A 63 10.50 6.45 -8.60
C HIS A 63 9.51 7.00 -9.62
N PRO A 64 8.19 6.74 -9.39
CA PRO A 64 7.24 7.24 -10.37
C PRO A 64 7.25 8.78 -10.39
N PRO A 65 7.17 9.40 -11.58
CA PRO A 65 6.94 10.85 -11.61
C PRO A 65 5.57 11.14 -11.00
N ALA A 66 5.47 12.23 -10.23
CA ALA A 66 4.25 12.59 -9.47
C ALA A 66 2.95 12.48 -10.28
N ASP A 67 3.00 12.93 -11.53
CA ASP A 67 1.81 12.96 -12.39
C ASP A 67 1.42 11.62 -13.02
N LYS A 68 2.17 10.55 -12.74
CA LYS A 68 1.77 9.21 -13.11
C LYS A 68 1.13 8.48 -11.94
N LEU A 69 0.97 9.14 -10.80
CA LEU A 69 0.39 8.52 -9.62
C LEU A 69 -0.98 9.13 -9.37
N TYR A 70 -1.95 8.27 -9.13
CA TYR A 70 -3.32 8.66 -8.82
C TYR A 70 -3.76 7.97 -7.54
N VAL A 71 -4.84 8.47 -6.95
CA VAL A 71 -5.58 7.66 -6.00
C VAL A 71 -5.94 6.32 -6.65
N GLY A 72 -5.59 5.23 -5.98
CA GLY A 72 -5.76 3.90 -6.53
C GLY A 72 -4.55 3.33 -7.21
N SER A 73 -3.49 4.11 -7.44
CA SER A 73 -2.28 3.56 -8.06
C SER A 73 -1.71 2.46 -7.18
N ARG A 74 -1.21 1.42 -7.82
CA ARG A 74 -0.62 0.27 -7.15
C ARG A 74 0.88 0.47 -7.09
N VAL A 75 1.43 0.44 -5.87
CA VAL A 75 2.81 0.82 -5.66
C VAL A 75 3.48 -0.14 -4.70
N VAL A 76 4.81 -0.10 -4.73
CA VAL A 76 5.62 -0.67 -3.69
C VAL A 76 6.21 0.51 -2.92
N ALA A 77 6.15 0.44 -1.59
CA ALA A 77 6.66 1.56 -0.77
C ALA A 77 7.53 1.09 0.37
N LYS A 78 8.41 1.99 0.81
CA LYS A 78 9.24 1.74 1.98
C LYS A 78 8.34 1.72 3.22
N TYR A 79 8.40 0.61 3.94
CA TYR A 79 7.46 0.28 5.01
C TYR A 79 8.28 0.40 6.27
N LYS A 80 7.75 1.20 7.20
CA LYS A 80 8.45 1.62 8.41
C LYS A 80 7.50 1.40 9.56
N ASP A 81 7.68 0.30 10.28
N VAL A 85 14.87 -1.21 6.43
CA VAL A 85 13.88 -0.74 5.48
C VAL A 85 13.38 -1.90 4.63
N TRP A 86 12.05 -2.16 4.66
CA TRP A 86 11.41 -3.18 3.82
C TRP A 86 10.52 -2.54 2.75
N LEU A 87 10.39 -3.23 1.63
CA LEU A 87 9.52 -2.77 0.52
C LEU A 87 8.28 -3.64 0.49
N TYR A 88 7.09 -3.01 0.52
CA TYR A 88 5.84 -3.72 0.66
C TYR A 88 4.82 -3.05 -0.24
N ALA A 89 3.89 -3.83 -0.77
CA ALA A 89 2.88 -3.33 -1.70
C ALA A 89 1.80 -2.51 -1.00
N GLY A 90 1.26 -1.55 -1.74
CA GLY A 90 0.16 -0.74 -1.26
C GLY A 90 -0.57 -0.03 -2.37
N ILE A 91 -1.47 0.85 -1.95
CA ILE A 91 -2.34 1.64 -2.81
C ILE A 91 -2.18 3.08 -2.39
N VAL A 92 -2.06 3.97 -3.37
CA VAL A 92 -2.01 5.39 -3.11
C VAL A 92 -3.38 5.87 -2.69
N ALA A 93 -3.46 6.40 -1.48
CA ALA A 93 -4.73 6.94 -0.94
C ALA A 93 -4.84 8.47 -1.08
N GLU A 94 -3.70 9.15 -1.14
CA GLU A 94 -3.64 10.61 -1.37
C GLU A 94 -2.40 10.92 -2.14
N THR A 95 -2.51 11.91 -3.02
CA THR A 95 -1.37 12.52 -3.66
C THR A 95 -1.00 13.85 -2.94
N PRO A 96 0.21 14.37 -3.18
CA PRO A 96 0.67 15.61 -2.52
C PRO A 96 -0.24 16.81 -2.69
N ASN A 97 -0.56 17.45 -1.58
CA ASN A 97 -1.34 18.70 -1.58
C ASN A 97 -0.99 19.50 -0.33
N VAL A 98 -1.60 20.67 -0.19
CA VAL A 98 -1.24 21.55 0.92
C VAL A 98 -1.58 20.87 2.26
N LYS A 99 -2.74 20.26 2.34
CA LYS A 99 -3.22 19.70 3.60
C LYS A 99 -2.36 18.53 4.15
N ASN A 100 -1.67 17.79 3.27
CA ASN A 100 -0.81 16.68 3.72
C ASN A 100 0.69 16.98 3.64
N LYS A 101 1.03 18.27 3.48
CA LYS A 101 2.43 18.72 3.44
C LYS A 101 3.18 18.05 2.28
N LEU A 102 2.48 17.95 1.16
CA LEU A 102 3.03 17.44 -0.09
C LEU A 102 3.63 16.05 0.03
N ARG A 103 2.86 15.12 0.62
CA ARG A 103 3.27 13.73 0.72
C ARG A 103 2.20 12.83 0.09
N PHE A 104 2.58 11.57 -0.15
CA PHE A 104 1.65 10.53 -0.56
C PHE A 104 1.18 9.71 0.64
N LEU A 105 -0.12 9.48 0.74
CA LEU A 105 -0.66 8.58 1.76
C LEU A 105 -0.73 7.18 1.16
N ILE A 106 -0.15 6.19 1.83
CA ILE A 106 -0.15 4.81 1.35
C ILE A 106 -0.97 3.94 2.31
N PHE A 107 -1.89 3.18 1.73
CA PHE A 107 -2.57 2.10 2.44
C PHE A 107 -1.91 0.79 1.97
N PHE A 108 -1.14 0.17 2.85
CA PHE A 108 -0.42 -1.08 2.53
C PHE A 108 -1.39 -2.23 2.56
N ASP A 109 -0.99 -3.32 1.91
CA ASP A 109 -1.86 -4.50 1.74
C ASP A 109 -2.33 -5.18 3.03
N ASP A 110 -1.57 -4.98 4.11
CA ASP A 110 -1.93 -5.54 5.41
C ASP A 110 -2.79 -4.59 6.23
N GLY A 111 -3.06 -3.40 5.71
CA GLY A 111 -3.86 -2.41 6.42
C GLY A 111 -3.07 -1.29 7.07
N TYR A 112 -1.73 -1.35 7.07
CA TYR A 112 -0.93 -0.26 7.64
C TYR A 112 -1.08 1.01 6.79
N ALA A 113 -1.14 2.17 7.44
CA ALA A 113 -1.20 3.46 6.74
C ALA A 113 -0.01 4.32 7.12
N SER A 114 0.58 4.97 6.12
CA SER A 114 1.71 5.88 6.35
CA SER A 114 1.65 5.93 6.39
C SER A 114 1.82 6.93 5.25
N TYR A 115 2.27 8.12 5.62
CA TYR A 115 2.67 9.11 4.63
C TYR A 115 4.11 8.84 4.24
N VAL A 116 4.38 8.95 2.94
CA VAL A 116 5.71 8.78 2.35
C VAL A 116 6.00 9.85 1.30
N THR A 117 7.27 9.94 0.89
CA THR A 117 7.67 10.82 -0.19
C THR A 117 7.82 10.02 -1.48
N GLN A 118 7.91 10.74 -2.60
CA GLN A 118 8.12 10.15 -3.92
C GLN A 118 9.35 9.22 -3.97
N SER A 119 10.39 9.57 -3.22
CA SER A 119 11.59 8.74 -3.15
C SER A 119 11.41 7.39 -2.44
N GLU A 120 10.23 7.15 -1.86
CA GLU A 120 9.98 5.94 -1.13
C GLU A 120 9.00 5.05 -1.89
N LEU A 121 8.70 5.42 -3.14
CA LEU A 121 7.70 4.71 -3.98
C LEU A 121 8.28 4.14 -5.25
N TYR A 122 7.76 2.98 -5.64
CA TYR A 122 8.07 2.34 -6.94
C TYR A 122 6.77 1.92 -7.58
N PRO A 123 6.62 2.14 -8.91
CA PRO A 123 5.36 1.76 -9.53
C PRO A 123 5.31 0.29 -9.95
N ILE A 124 4.20 -0.38 -9.65
CA ILE A 124 4.00 -1.75 -10.12
C ILE A 124 3.87 -1.76 -11.66
N CYS A 125 4.47 -2.75 -12.30
CA CYS A 125 4.58 -2.74 -13.80
C CYS A 125 3.27 -2.95 -14.52
N ARG A 126 2.52 -3.96 -14.10
CA ARG A 126 1.27 -4.32 -14.76
C ARG A 126 0.16 -4.52 -13.70
N PRO A 127 -0.32 -3.39 -13.15
CA PRO A 127 -1.39 -3.47 -12.15
C PRO A 127 -2.65 -4.03 -12.76
N LEU A 128 -3.47 -4.66 -11.95
CA LEU A 128 -4.81 -5.08 -12.38
C LEU A 128 -5.67 -3.87 -12.72
N LYS A 129 -6.64 -4.04 -13.60
CA LYS A 129 -7.51 -2.96 -14.01
C LYS A 129 -8.18 -2.29 -12.79
N LYS A 130 -8.71 -3.15 -11.91
CA LYS A 130 -9.13 -2.74 -10.58
C LYS A 130 -7.97 -3.08 -9.68
N THR A 131 -7.21 -2.05 -9.33
CA THR A 131 -5.86 -2.23 -8.74
C THR A 131 -5.88 -3.01 -7.41
N TRP A 132 -6.98 -2.90 -6.69
CA TRP A 132 -7.17 -3.54 -5.39
C TRP A 132 -7.46 -5.03 -5.47
N GLU A 133 -7.77 -5.57 -6.66
CA GLU A 133 -8.20 -6.98 -6.76
C GLU A 133 -7.13 -8.05 -6.44
N ASP A 134 -5.86 -7.65 -6.34
CA ASP A 134 -4.82 -8.55 -5.88
C ASP A 134 -4.42 -8.33 -4.43
N ILE A 135 -5.27 -7.61 -3.65
CA ILE A 135 -5.07 -7.52 -2.20
C ILE A 135 -5.64 -8.79 -1.59
N GLU A 136 -4.79 -9.56 -0.89
CA GLU A 136 -5.12 -10.93 -0.46
C GLU A 136 -6.16 -10.96 0.64
N ASP A 137 -6.00 -10.06 1.61
CA ASP A 137 -6.94 -9.94 2.72
C ASP A 137 -8.25 -9.32 2.22
N ILE A 138 -9.34 -10.07 2.29
CA ILE A 138 -10.64 -9.65 1.73
C ILE A 138 -11.20 -8.38 2.40
N SER A 139 -11.02 -8.28 3.71
CA SER A 139 -11.49 -7.10 4.45
CA SER A 139 -11.50 -7.08 4.42
C SER A 139 -10.76 -5.84 3.97
N CYS A 140 -9.43 -5.95 3.79
N CYS A 140 -9.47 -6.01 3.67
CA CYS A 140 -8.62 -4.82 3.32
CA CYS A 140 -8.67 -4.98 3.01
C CYS A 140 -9.00 -4.42 1.91
C CYS A 140 -9.11 -4.75 1.56
N ARG A 141 -9.20 -5.46 1.09
N ARG A 141 -9.23 -5.79 0.75
CA ARG A 141 -9.57 -5.29 -0.33
CA ARG A 141 -9.72 -5.59 -0.60
C ARG A 141 -10.90 -4.57 -0.50
C ARG A 141 -10.95 -4.69 -0.60
N ASP A 142 -11.90 -4.98 0.29
CA ASP A 142 -13.19 -4.32 0.26
C ASP A 142 -13.11 -2.86 0.71
N PHE A 143 -12.33 -2.60 1.74
CA PHE A 143 -12.15 -1.24 2.21
C PHE A 143 -11.53 -0.38 1.10
N ILE A 144 -10.49 -0.91 0.46
CA ILE A 144 -9.81 -0.15 -0.58
C ILE A 144 -10.74 0.12 -1.78
N GLU A 145 -11.49 -0.88 -2.19
CA GLU A 145 -12.45 -0.72 -3.29
C GLU A 145 -13.42 0.43 -3.01
N GLU A 146 -14.02 0.40 -1.81
CA GLU A 146 -14.94 1.47 -1.43
C GLU A 146 -14.23 2.83 -1.39
N TYR A 147 -13.03 2.88 -0.80
CA TYR A 147 -12.33 4.14 -0.66
C TYR A 147 -11.97 4.78 -2.01
N VAL A 148 -11.37 3.97 -2.87
CA VAL A 148 -10.89 4.43 -4.17
C VAL A 148 -12.05 4.84 -5.09
N THR A 149 -13.11 4.05 -5.11
CA THR A 149 -14.26 4.34 -6.00
C THR A 149 -15.11 5.50 -5.48
N ALA A 150 -15.16 5.68 -4.17
CA ALA A 150 -15.93 6.81 -3.58
C ALA A 150 -15.18 8.13 -3.69
N TYR A 151 -13.83 8.07 -3.74
CA TYR A 151 -12.99 9.26 -3.76
C TYR A 151 -13.46 10.20 -4.90
N PRO A 152 -13.55 11.51 -4.69
CA PRO A 152 -13.05 12.27 -3.54
C PRO A 152 -14.02 12.44 -2.35
N ASN A 153 -15.14 11.72 -2.33
CA ASN A 153 -16.06 11.69 -1.19
C ASN A 153 -15.42 10.85 -0.07
N ARG A 154 -14.96 11.53 0.99
CA ARG A 154 -14.26 10.88 2.10
C ARG A 154 -14.81 11.35 3.44
N PRO A 155 -15.85 10.70 3.94
CA PRO A 155 -16.31 11.02 5.29
C PRO A 155 -15.20 10.76 6.30
N MET A 156 -14.90 11.77 7.09
CA MET A 156 -13.87 11.68 8.12
C MET A 156 -14.39 12.33 9.38
N VAL A 157 -13.92 11.85 10.53
N VAL A 157 -13.83 11.86 10.50
CA VAL A 157 -14.24 12.51 11.79
CA VAL A 157 -14.09 12.41 11.81
C VAL A 157 -13.15 13.52 12.09
C VAL A 157 -13.10 13.56 12.03
N LEU A 158 -13.59 14.69 12.56
CA LEU A 158 -12.72 15.77 12.96
C LEU A 158 -12.36 15.48 14.42
N LEU A 159 -11.08 15.27 14.65
CA LEU A 159 -10.58 14.94 15.97
C LEU A 159 -9.54 15.97 16.35
N LYS A 160 -9.44 16.23 17.66
CA LYS A 160 -8.45 17.18 18.17
C LYS A 160 -7.64 16.52 19.25
N SER A 161 -6.40 16.98 19.39
CA SER A 161 -5.52 16.44 20.40
C SER A 161 -6.14 16.58 21.79
N GLY A 162 -6.03 15.52 22.58
CA GLY A 162 -6.59 15.48 23.93
C GLY A 162 -7.97 14.88 24.01
N GLN A 163 -8.65 14.74 22.87
CA GLN A 163 -10.00 14.19 22.83
C GLN A 163 -10.04 12.72 23.25
N LEU A 164 -10.97 12.39 24.13
CA LEU A 164 -11.18 11.01 24.55
C LEU A 164 -12.19 10.35 23.63
N ILE A 165 -11.83 9.20 23.09
CA ILE A 165 -12.69 8.43 22.19
C ILE A 165 -12.56 6.94 22.49
N LYS A 166 -13.47 6.12 21.94
CA LYS A 166 -13.25 4.68 21.87
C LYS A 166 -12.71 4.32 20.50
N THR A 167 -11.72 3.45 20.47
CA THR A 167 -11.14 2.94 19.24
C THR A 167 -11.20 1.43 19.23
N GLU A 168 -11.58 0.87 18.10
CA GLU A 168 -11.62 -0.60 17.95
C GLU A 168 -10.22 -1.19 17.77
N TRP A 169 -9.98 -2.33 18.39
N TRP A 169 -10.01 -2.37 18.35
CA TRP A 169 -8.82 -3.14 18.08
CA TRP A 169 -8.76 -3.10 18.21
C TRP A 169 -9.15 -4.55 18.50
C TRP A 169 -9.02 -4.57 18.59
N GLU A 170 -8.73 -5.50 17.67
CA GLU A 170 -8.99 -6.95 17.90
C GLU A 170 -10.44 -7.27 18.32
N GLY A 171 -11.37 -6.59 17.65
CA GLY A 171 -12.81 -6.88 17.78
C GLY A 171 -13.52 -6.23 18.95
N THR A 172 -12.80 -5.46 19.77
CA THR A 172 -13.43 -4.75 20.90
C THR A 172 -13.06 -3.27 20.95
N TRP A 173 -13.77 -2.53 21.80
N TRP A 173 -13.88 -2.50 21.68
CA TRP A 173 -13.63 -1.07 21.88
CA TRP A 173 -13.70 -1.06 21.87
C TRP A 173 -12.83 -0.67 23.11
C TRP A 173 -12.67 -0.85 23.00
N TRP A 174 -11.82 0.17 22.87
CA TRP A 174 -10.82 0.54 23.89
C TRP A 174 -10.87 2.03 24.19
N LYS A 175 -10.79 2.37 25.48
CA LYS A 175 -10.71 3.76 25.86
C LYS A 175 -9.39 4.32 25.33
N SER A 176 -9.43 5.48 24.71
CA SER A 176 -8.26 5.98 24.02
C SER A 176 -8.28 7.50 23.96
N ARG A 177 -7.15 8.06 23.55
N ARG A 177 -7.13 8.07 23.59
CA ARG A 177 -6.99 9.50 23.50
CA ARG A 177 -6.98 9.52 23.53
C ARG A 177 -6.29 9.89 22.21
C ARG A 177 -6.28 9.91 22.23
N VAL A 178 -6.76 10.97 21.60
CA VAL A 178 -6.15 11.51 20.40
C VAL A 178 -4.86 12.24 20.83
N GLU A 179 -3.72 11.78 20.34
CA GLU A 179 -2.43 12.38 20.68
C GLU A 179 -1.99 13.47 19.72
N GLU A 180 -2.32 13.28 18.43
CA GLU A 180 -1.82 14.13 17.37
C GLU A 180 -2.61 13.85 16.12
N VAL A 181 -2.72 14.84 15.25
CA VAL A 181 -3.32 14.68 13.91
C VAL A 181 -2.29 15.08 12.86
N ASP A 182 -2.22 14.31 11.79
CA ASP A 182 -1.30 14.59 10.68
C ASP A 182 -2.07 14.31 9.39
N GLY A 183 -2.55 15.37 8.74
CA GLY A 183 -3.37 15.21 7.54
C GLY A 183 -4.59 14.37 7.81
N SER A 184 -4.70 13.27 7.09
N SER A 184 -4.77 13.29 7.05
CA SER A 184 -5.85 12.39 7.19
CA SER A 184 -5.94 12.40 7.26
C SER A 184 -5.65 11.25 8.18
C SER A 184 -5.66 11.24 8.21
N LEU A 185 -4.53 11.27 8.92
CA LEU A 185 -4.23 10.28 9.95
C LEU A 185 -4.30 10.91 11.33
N VAL A 186 -4.66 10.08 12.31
CA VAL A 186 -4.70 10.48 13.72
C VAL A 186 -3.90 9.45 14.52
N ARG A 187 -3.08 9.92 15.45
N ARG A 187 -3.11 9.94 15.47
CA ARG A 187 -2.31 9.05 16.32
CA ARG A 187 -2.31 9.10 16.34
C ARG A 187 -3.11 8.85 17.59
C ARG A 187 -3.10 8.86 17.62
N ILE A 188 -3.53 7.61 17.82
CA ILE A 188 -4.38 7.25 18.96
C ILE A 188 -3.53 6.54 20.00
N LEU A 189 -3.59 7.03 21.24
CA LEU A 189 -3.02 6.36 22.39
C LEU A 189 -4.11 5.52 23.04
N PHE A 190 -3.87 4.21 23.09
CA PHE A 190 -4.75 3.27 23.79
C PHE A 190 -4.39 3.28 25.27
N LEU A 191 -5.36 3.61 26.12
CA LEU A 191 -5.07 3.87 27.54
C LEU A 191 -4.66 2.59 28.31
N ASP A 192 -5.25 1.45 27.94
N ASP A 192 -5.20 1.44 27.95
CA ASP A 192 -4.93 0.17 28.59
CA ASP A 192 -4.92 0.20 28.68
C ASP A 192 -3.45 -0.19 28.51
C ASP A 192 -3.49 -0.36 28.48
N ASP A 193 -2.92 -0.23 27.28
CA ASP A 193 -1.54 -0.72 27.02
C ASP A 193 -0.53 0.43 26.79
N LYS A 194 -1.03 1.67 26.76
CA LYS A 194 -0.20 2.87 26.58
C LYS A 194 0.68 2.84 25.34
N ARG A 195 0.10 2.33 24.26
CA ARG A 195 0.77 2.26 22.99
C ARG A 195 -0.10 2.97 21.96
N CYS A 196 0.55 3.48 20.91
CA CYS A 196 -0.11 4.29 19.89
C CYS A 196 -0.24 3.60 18.56
N GLU A 197 -1.21 4.04 17.77
CA GLU A 197 -1.35 3.64 16.38
C GLU A 197 -1.81 4.83 15.57
N TRP A 198 -1.25 4.99 14.36
CA TRP A 198 -1.77 5.95 13.41
C TRP A 198 -2.91 5.33 12.60
N ILE A 199 -4.08 5.97 12.62
CA ILE A 199 -5.28 5.47 11.99
C ILE A 199 -5.88 6.53 11.06
N TYR A 200 -6.36 6.08 9.89
CA TYR A 200 -7.04 6.95 8.95
C TYR A 200 -8.32 7.53 9.59
N ARG A 201 -8.52 8.83 9.44
CA ARG A 201 -9.64 9.53 10.09
C ARG A 201 -11.04 9.18 9.56
N GLY A 202 -11.09 8.51 8.41
CA GLY A 202 -12.32 7.91 7.95
C GLY A 202 -12.57 6.48 8.37
N SER A 203 -11.70 5.94 9.23
CA SER A 203 -11.86 4.58 9.74
C SER A 203 -13.06 4.47 10.66
N THR A 204 -13.87 3.42 10.46
CA THR A 204 -14.98 3.14 11.36
C THR A 204 -14.52 2.63 12.72
N ARG A 205 -13.22 2.38 12.87
CA ARG A 205 -12.67 2.02 14.16
C ARG A 205 -12.68 3.16 15.16
N LEU A 206 -12.86 4.39 14.68
CA LEU A 206 -12.85 5.59 15.54
C LEU A 206 -14.28 5.95 15.96
N GLU A 207 -14.55 5.93 17.25
CA GLU A 207 -15.87 6.31 17.76
C GLU A 207 -15.78 7.45 18.80
N PRO A 208 -15.92 8.71 18.35
CA PRO A 208 -15.90 9.83 19.30
C PRO A 208 -17.18 9.98 20.14
N MET A 209 -18.31 9.47 19.65
CA MET A 209 -19.64 9.69 20.26
C MET A 209 -20.09 8.46 21.02
N PHE A 210 -19.28 8.04 21.98
CA PHE A 210 -19.57 6.88 22.82
C PHE A 210 -20.50 7.30 23.96
N SER B 2 0.18 -5.51 15.88
CA SER B 2 -0.18 -5.42 14.48
C SER B 2 -1.10 -4.22 14.22
N THR B 3 -1.03 -3.68 13.02
CA THR B 3 -2.03 -2.72 12.55
C THR B 3 -3.48 -3.23 12.74
#